data_6AAO
#
_entry.id   6AAO
#
_cell.length_a   101.588
_cell.length_b   43.971
_cell.length_c   72.739
_cell.angle_alpha   90.00
_cell.angle_beta   118.72
_cell.angle_gamma   90.00
#
_symmetry.space_group_name_H-M   'C 1 2 1'
#
loop_
_entity.id
_entity.type
_entity.pdbx_description
1 polymer 'Pyrrolysine--tRNA ligase'
2 non-polymer 'MAGNESIUM ION'
3 non-polymer "ADENOSINE-5'-TRIPHOSPHATE"
4 non-polymer N6-({[(1S,2E)-cyclooct-2-en-1-yl]oxy}carbonyl)-L-lysine
5 non-polymer 'POTASSIUM ION'
6 non-polymer DI(HYDROXYETHYL)ETHER
7 water water
#
_entity_poly.entity_id   1
_entity_poly.type   'polypeptide(L)'
_entity_poly.pdbx_seq_one_letter_code
;GSHMASAPALTKSQTDRLEVLLNPKDEISLNSGKPFRELESELLSRRKKDLQQIYAEERENYLGKLEREITRFFVDRGFL
EIKSPILIPLEYIERMGIDNDTELSKQIFRVDKNFCLRPMLAPNLANYLRKLDRALPDPIKIFEIGPCYRKESDGKEHLE
EFTMLNFCQMGSGCTRENLESIITDFLNHLGIDFKIVGDSCMVFGDTLDVMHGDLELSSAVVGPIPLDREWGIDKPWIGA
GFGLERLLKVKHDFKNIKRAARSGSYYNGISTNL
;
_entity_poly.pdbx_strand_id   A
#
loop_
_chem_comp.id
_chem_comp.type
_chem_comp.name
_chem_comp.formula
ATP non-polymer ADENOSINE-5'-TRIPHOSPHATE 'C10 H16 N5 O13 P3'
K non-polymer 'POTASSIUM ION' 'K 1'
MG non-polymer 'MAGNESIUM ION' 'Mg 2'
PEG non-polymer DI(HYDROXYETHYL)ETHER 'C4 H10 O3'
#
# COMPACT_ATOMS: atom_id res chain seq x y z
N PRO A 8 -15.36 -37.52 -7.74
CA PRO A 8 -14.49 -36.74 -6.86
C PRO A 8 -14.66 -35.23 -7.13
N ALA A 9 -15.80 -34.72 -6.68
CA ALA A 9 -16.08 -33.27 -6.72
C ALA A 9 -15.76 -32.63 -5.39
N LEU A 10 -15.18 -31.43 -5.41
CA LEU A 10 -14.80 -30.78 -4.16
C LEU A 10 -15.88 -29.83 -3.65
N THR A 11 -16.12 -29.83 -2.35
CA THR A 11 -17.05 -28.87 -1.75
C THR A 11 -16.44 -27.48 -1.78
N LYS A 12 -17.28 -26.48 -1.58
CA LYS A 12 -16.79 -25.10 -1.46
CA LYS A 12 -16.79 -25.11 -1.47
C LYS A 12 -15.78 -24.96 -0.28
N SER A 13 -16.05 -25.61 0.88
CA SER A 13 -15.11 -25.59 2.04
CA SER A 13 -15.12 -25.57 2.01
C SER A 13 -13.76 -26.18 1.65
N GLN A 14 -13.79 -27.31 0.90
CA GLN A 14 -12.52 -27.95 0.47
C GLN A 14 -11.75 -27.09 -0.52
N THR A 15 -12.42 -26.53 -1.51
CA THR A 15 -11.76 -25.59 -2.44
CA THR A 15 -11.68 -25.65 -2.44
C THR A 15 -11.16 -24.36 -1.77
N ASP A 16 -11.93 -23.81 -0.81
CA ASP A 16 -11.40 -22.66 -0.02
C ASP A 16 -10.12 -23.07 0.71
N ARG A 17 -10.09 -24.27 1.31
CA ARG A 17 -8.86 -24.69 2.05
C ARG A 17 -7.69 -24.83 1.08
N LEU A 18 -7.92 -25.46 -0.08
CA LEU A 18 -6.87 -25.56 -1.09
C LEU A 18 -6.39 -24.18 -1.63
N GLU A 19 -7.32 -23.23 -1.83
CA GLU A 19 -6.93 -21.90 -2.31
C GLU A 19 -6.07 -21.15 -1.29
N VAL A 20 -6.35 -21.36 0.00
CA VAL A 20 -5.50 -20.79 1.04
C VAL A 20 -4.06 -21.32 0.95
N LEU A 21 -3.92 -22.63 0.68
CA LEU A 21 -2.60 -23.26 0.57
C LEU A 21 -1.87 -23.11 -0.78
N LEU A 22 -2.56 -22.67 -1.81
CA LEU A 22 -2.01 -22.51 -3.16
C LEU A 22 -1.21 -21.22 -3.28
N ASN A 23 -0.07 -21.26 -3.95
CA ASN A 23 0.71 -20.01 -4.19
C ASN A 23 0.85 -19.77 -5.71
N PRO A 24 1.09 -18.50 -6.13
CA PRO A 24 1.07 -18.18 -7.55
C PRO A 24 2.06 -19.00 -8.39
N LYS A 25 3.18 -19.45 -7.81
CA LYS A 25 4.18 -20.15 -8.63
C LYS A 25 3.78 -21.63 -8.86
N ASP A 26 2.83 -22.16 -8.08
CA ASP A 26 2.41 -23.55 -8.23
C ASP A 26 1.77 -23.73 -9.60
N GLU A 27 2.09 -24.84 -10.24
CA GLU A 27 1.41 -25.30 -11.46
C GLU A 27 0.69 -26.57 -11.05
N ILE A 28 -0.31 -26.38 -10.20
CA ILE A 28 -1.19 -27.40 -9.65
C ILE A 28 -2.61 -26.91 -9.86
N SER A 29 -3.47 -27.76 -10.41
CA SER A 29 -4.89 -27.40 -10.46
C SER A 29 -5.80 -28.22 -9.54
N LEU A 30 -6.74 -27.49 -8.94
CA LEU A 30 -7.60 -28.02 -7.89
C LEU A 30 -8.74 -28.81 -8.53
N ASN A 31 -8.91 -28.67 -9.85
CA ASN A 31 -9.90 -29.42 -10.63
C ASN A 31 -9.31 -30.57 -11.48
N SER A 32 -8.07 -30.97 -11.17
CA SER A 32 -7.37 -32.01 -11.94
C SER A 32 -8.01 -33.40 -11.79
N GLY A 33 -8.90 -33.55 -10.81
CA GLY A 33 -9.55 -34.82 -10.54
C GLY A 33 -8.95 -35.58 -9.36
N LYS A 34 -7.79 -35.13 -8.90
CA LYS A 34 -7.15 -35.71 -7.70
C LYS A 34 -8.02 -35.44 -6.49
N PRO A 35 -8.02 -36.37 -5.52
CA PRO A 35 -8.91 -36.13 -4.38
C PRO A 35 -8.33 -35.03 -3.48
N PHE A 36 -9.23 -34.42 -2.71
CA PHE A 36 -8.86 -33.37 -1.74
C PHE A 36 -7.69 -33.83 -0.82
N ARG A 37 -7.69 -35.08 -0.32
CA ARG A 37 -6.65 -35.49 0.63
C ARG A 37 -5.24 -35.42 0.03
N GLU A 38 -5.09 -35.71 -1.26
CA GLU A 38 -3.77 -35.65 -1.93
C GLU A 38 -3.34 -34.25 -2.30
N LEU A 39 -4.26 -33.43 -2.77
CA LEU A 39 -3.99 -32.03 -3.06
C LEU A 39 -3.61 -31.28 -1.76
N GLU A 40 -4.34 -31.54 -0.69
CA GLU A 40 -4.04 -30.92 0.60
C GLU A 40 -2.67 -31.37 1.14
N SER A 41 -2.36 -32.67 1.10
CA SER A 41 -1.06 -33.16 1.58
CA SER A 41 -1.08 -33.12 1.62
C SER A 41 0.11 -32.58 0.79
N GLU A 42 -0.02 -32.55 -0.54
CA GLU A 42 1.02 -31.95 -1.40
C GLU A 42 1.22 -30.47 -1.12
N LEU A 43 0.13 -29.70 -1.06
CA LEU A 43 0.30 -28.25 -0.78
C LEU A 43 0.82 -28.01 0.62
N LEU A 44 0.42 -28.78 1.65
CA LEU A 44 0.95 -28.60 3.02
C LEU A 44 2.46 -28.86 3.02
N SER A 45 2.92 -29.90 2.32
CA SER A 45 4.35 -30.19 2.24
CA SER A 45 4.34 -30.19 2.24
CA SER A 45 4.34 -30.20 2.22
C SER A 45 5.08 -29.04 1.57
N ARG A 46 4.54 -28.50 0.47
CA ARG A 46 5.24 -27.40 -0.22
C ARG A 46 5.35 -26.17 0.70
N ARG A 47 4.27 -25.84 1.41
CA ARG A 47 4.23 -24.62 2.22
C ARG A 47 5.08 -24.77 3.49
N LYS A 48 5.09 -25.92 4.14
CA LYS A 48 6.03 -26.17 5.26
C LYS A 48 7.48 -26.01 4.78
N LYS A 49 7.83 -26.57 3.62
N LYS A 49 7.82 -26.54 3.62
CA LYS A 49 9.17 -26.42 3.03
CA LYS A 49 9.19 -26.41 3.11
C LYS A 49 9.48 -24.94 2.80
C LYS A 49 9.50 -24.95 2.76
N ASP A 50 8.52 -24.20 2.24
CA ASP A 50 8.69 -22.76 1.94
C ASP A 50 8.97 -21.99 3.24
N LEU A 51 8.16 -22.22 4.29
CA LEU A 51 8.30 -21.54 5.58
C LEU A 51 9.62 -21.96 6.28
N GLN A 52 10.00 -23.22 6.21
CA GLN A 52 11.28 -23.66 6.76
C GLN A 52 12.46 -22.99 6.04
N GLN A 53 12.39 -22.79 4.72
CA GLN A 53 13.45 -22.11 3.99
C GLN A 53 13.56 -20.63 4.42
N ILE A 54 12.42 -19.95 4.56
CA ILE A 54 12.42 -18.55 5.07
C ILE A 54 13.06 -18.51 6.46
N TYR A 55 12.68 -19.42 7.36
CA TYR A 55 13.23 -19.42 8.74
C TYR A 55 14.72 -19.71 8.75
N ALA A 56 15.20 -20.59 7.88
CA ALA A 56 16.61 -20.97 7.85
C ALA A 56 17.47 -19.86 7.24
N GLU A 57 16.95 -19.11 6.25
CA GLU A 57 17.81 -18.29 5.37
C GLU A 57 17.49 -16.81 5.17
N GLU A 58 16.30 -16.37 5.51
CA GLU A 58 15.95 -14.97 5.24
C GLU A 58 15.51 -14.22 6.50
N ARG A 59 14.41 -14.70 7.00
CA ARG A 59 13.71 -14.27 8.20
C ARG A 59 13.13 -12.85 8.19
N GLU A 60 13.11 -12.16 7.05
CA GLU A 60 12.54 -10.81 6.96
C GLU A 60 11.09 -10.85 6.43
N ASN A 61 10.24 -10.03 7.05
CA ASN A 61 8.86 -9.86 6.65
C ASN A 61 8.77 -9.06 5.33
N TYR A 62 7.89 -9.43 4.40
CA TYR A 62 7.76 -8.67 3.15
C TYR A 62 7.38 -7.18 3.34
N LEU A 63 6.44 -6.87 4.21
CA LEU A 63 6.01 -5.47 4.43
C LEU A 63 7.15 -4.71 5.08
N GLY A 64 7.83 -5.29 6.06
CA GLY A 64 8.98 -4.65 6.73
C GLY A 64 10.12 -4.41 5.76
N LYS A 65 10.48 -5.44 4.98
CA LYS A 65 11.59 -5.36 4.01
C LYS A 65 11.30 -4.29 2.90
N LEU A 66 10.09 -4.23 2.37
CA LEU A 66 9.73 -3.24 1.33
C LEU A 66 9.76 -1.84 1.93
N GLU A 67 9.23 -1.65 3.13
CA GLU A 67 9.38 -0.34 3.78
C GLU A 67 10.85 0.05 3.88
N ARG A 68 11.73 -0.87 4.25
CA ARG A 68 13.16 -0.50 4.40
C ARG A 68 13.80 -0.16 3.03
N GLU A 69 13.45 -0.90 1.97
CA GLU A 69 13.97 -0.62 0.65
C GLU A 69 13.49 0.75 0.11
N ILE A 70 12.21 1.05 0.29
CA ILE A 70 11.66 2.35 -0.16
C ILE A 70 12.29 3.49 0.65
N THR A 71 12.48 3.25 1.95
CA THR A 71 13.11 4.26 2.83
C THR A 71 14.51 4.56 2.31
N ARG A 72 15.34 3.58 1.98
CA ARG A 72 16.67 3.87 1.42
C ARG A 72 16.58 4.67 0.12
N PHE A 73 15.65 4.32 -0.76
CA PHE A 73 15.52 5.01 -2.06
C PHE A 73 15.27 6.50 -1.83
N PHE A 74 14.27 6.85 -1.01
CA PHE A 74 13.94 8.29 -0.83
C PHE A 74 14.98 9.02 0.00
N VAL A 75 15.54 8.40 1.04
CA VAL A 75 16.61 9.06 1.79
C VAL A 75 17.79 9.38 0.86
N ASP A 76 18.17 8.48 -0.03
CA ASP A 76 19.30 8.69 -0.96
C ASP A 76 19.02 9.81 -1.95
N ARG A 77 17.74 10.04 -2.29
CA ARG A 77 17.35 11.11 -3.21
CA ARG A 77 17.42 11.12 -3.21
C ARG A 77 17.13 12.46 -2.53
N GLY A 78 17.43 12.55 -1.24
CA GLY A 78 17.32 13.83 -0.57
C GLY A 78 16.01 14.11 0.16
N PHE A 79 15.15 13.12 0.41
CA PHE A 79 13.90 13.30 1.14
C PHE A 79 14.14 12.92 2.61
N LEU A 80 13.56 13.72 3.51
CA LEU A 80 13.59 13.47 4.98
C LEU A 80 12.56 12.46 5.42
N GLU A 81 12.97 11.44 6.19
CA GLU A 81 12.07 10.37 6.67
C GLU A 81 11.21 10.85 7.85
N ILE A 82 9.88 10.81 7.71
CA ILE A 82 8.97 11.23 8.76
C ILE A 82 8.27 10.00 9.42
N LYS A 83 8.06 10.04 10.74
CA LYS A 83 7.15 9.07 11.44
C LYS A 83 6.22 9.90 12.32
N SER A 84 4.95 10.04 11.89
CA SER A 84 3.96 10.92 12.53
C SER A 84 2.84 10.08 13.17
N PRO A 85 1.90 10.70 13.91
CA PRO A 85 0.88 9.90 14.63
C PRO A 85 -0.05 9.17 13.70
N ILE A 86 -0.41 7.96 14.13
CA ILE A 86 -1.44 7.17 13.44
C ILE A 86 -2.83 7.51 13.95
N LEU A 87 -2.91 7.79 15.26
CA LEU A 87 -4.12 8.24 15.91
C LEU A 87 -4.15 9.76 15.82
N ILE A 88 -5.11 10.36 15.08
CA ILE A 88 -5.10 11.81 14.76
C ILE A 88 -6.43 12.47 15.16
N PRO A 89 -6.44 13.82 15.28
CA PRO A 89 -7.70 14.52 15.57
C PRO A 89 -8.76 14.33 14.49
N LEU A 90 -9.99 14.11 14.95
CA LEU A 90 -11.12 14.03 14.04
C LEU A 90 -11.27 15.34 13.24
N GLU A 91 -10.84 16.44 13.84
CA GLU A 91 -10.86 17.75 13.18
C GLU A 91 -10.06 17.79 11.86
N TYR A 92 -8.99 16.99 11.77
CA TYR A 92 -8.20 16.95 10.52
C TYR A 92 -9.08 16.49 9.37
N ILE A 93 -10.04 15.61 9.66
CA ILE A 93 -10.95 15.08 8.63
C ILE A 93 -11.88 16.17 8.10
N GLU A 94 -12.42 16.98 9.00
CA GLU A 94 -13.21 18.13 8.60
C GLU A 94 -12.38 19.13 7.76
N ARG A 95 -11.13 19.36 8.16
CA ARG A 95 -10.29 20.35 7.48
C ARG A 95 -9.73 19.91 6.11
N MET A 96 -9.65 18.60 5.89
CA MET A 96 -9.27 18.08 4.57
C MET A 96 -10.49 18.14 3.67
N GLY A 97 -11.62 18.49 4.27
CA GLY A 97 -12.84 18.71 3.53
C GLY A 97 -13.66 17.44 3.29
N ILE A 98 -13.36 16.37 4.02
CA ILE A 98 -14.11 15.13 3.88
C ILE A 98 -15.50 15.28 4.53
N ASP A 99 -16.37 16.08 3.89
CA ASP A 99 -17.58 16.54 4.57
C ASP A 99 -18.53 15.42 4.94
N ASN A 100 -18.93 15.46 6.20
CA ASN A 100 -19.85 14.53 6.83
C ASN A 100 -21.02 14.09 5.93
N LEU A 104 -17.68 8.17 2.09
CA LEU A 104 -16.33 8.70 2.16
C LEU A 104 -15.97 9.11 3.60
N SER A 105 -16.88 9.82 4.27
CA SER A 105 -16.72 10.13 5.69
C SER A 105 -17.15 8.90 6.50
N LYS A 106 -17.83 8.00 5.81
CA LYS A 106 -18.34 6.75 6.39
C LYS A 106 -17.21 5.72 6.49
N GLN A 107 -16.09 6.03 5.84
CA GLN A 107 -14.95 5.15 5.85
C GLN A 107 -14.04 5.31 7.06
N ILE A 108 -14.35 6.27 7.91
CA ILE A 108 -13.46 6.65 9.01
C ILE A 108 -13.68 5.80 10.27
N PHE A 109 -12.58 5.26 10.82
CA PHE A 109 -12.65 4.58 12.13
C PHE A 109 -12.54 5.63 13.24
N ARG A 110 -13.59 5.76 14.04
CA ARG A 110 -13.57 6.72 15.13
C ARG A 110 -12.98 6.12 16.39
N VAL A 111 -12.28 6.95 17.16
CA VAL A 111 -11.71 6.52 18.45
C VAL A 111 -12.13 7.53 19.53
N ASP A 112 -12.83 7.09 20.57
CA ASP A 112 -13.38 8.01 21.59
C ASP A 112 -14.22 9.14 20.96
N LYS A 113 -14.13 10.35 21.52
CA LYS A 113 -14.98 11.45 21.06
C LYS A 113 -14.37 12.27 19.93
N ASN A 114 -13.07 12.46 19.97
CA ASN A 114 -12.44 13.46 19.12
C ASN A 114 -11.28 12.97 18.28
N PHE A 115 -11.08 11.65 18.25
CA PHE A 115 -9.95 11.10 17.47
C PHE A 115 -10.42 10.12 16.40
N CYS A 116 -9.51 9.78 15.50
CA CYS A 116 -9.78 8.74 14.51
C CYS A 116 -8.49 8.11 14.09
N LEU A 117 -8.56 6.95 13.45
CA LEU A 117 -7.37 6.37 12.80
C LEU A 117 -7.14 7.08 11.46
N ARG A 118 -5.92 7.49 11.15
CA ARG A 118 -5.73 8.26 9.90
C ARG A 118 -6.08 7.41 8.66
N PRO A 119 -6.84 8.01 7.71
CA PRO A 119 -7.13 7.32 6.44
C PRO A 119 -6.14 7.64 5.33
N MET A 120 -5.21 8.56 5.62
CA MET A 120 -4.19 9.01 4.66
C MET A 120 -3.08 9.72 5.43
N LEU A 121 -1.95 9.95 4.75
CA LEU A 121 -0.79 10.60 5.39
C LEU A 121 -0.76 12.12 5.09
N ALA A 122 -1.52 12.61 4.09
CA ALA A 122 -1.41 13.99 3.62
C ALA A 122 -1.56 15.04 4.72
N PRO A 123 -2.52 14.93 5.67
CA PRO A 123 -2.65 16.04 6.62
C PRO A 123 -1.40 16.23 7.49
N ASN A 124 -0.84 15.13 8.03
CA ASN A 124 0.34 15.23 8.84
C ASN A 124 1.50 15.74 8.02
N LEU A 125 1.61 15.34 6.75
CA LEU A 125 2.74 15.80 5.93
C LEU A 125 2.57 17.28 5.55
N ALA A 126 1.35 17.76 5.32
CA ALA A 126 1.09 19.19 5.10
C ALA A 126 1.60 19.97 6.30
N ASN A 127 1.31 19.53 7.52
CA ASN A 127 1.85 20.22 8.69
C ASN A 127 3.37 20.23 8.69
N TYR A 128 4.04 19.15 8.35
CA TYR A 128 5.50 19.11 8.29
C TYR A 128 6.03 20.02 7.18
N LEU A 129 5.44 20.06 5.98
CA LEU A 129 5.92 20.97 4.94
C LEU A 129 5.91 22.41 5.45
N ARG A 130 4.79 22.82 6.07
CA ARG A 130 4.63 24.20 6.56
C ARG A 130 5.70 24.48 7.58
N LYS A 131 5.86 23.59 8.56
CA LYS A 131 6.81 23.84 9.65
C LYS A 131 8.25 23.84 9.16
N LEU A 132 8.62 22.85 8.32
CA LEU A 132 10.00 22.75 7.89
C LEU A 132 10.40 23.88 6.91
N ASP A 133 9.43 24.51 6.20
CA ASP A 133 9.78 25.62 5.29
C ASP A 133 10.36 26.83 6.05
N ARG A 134 10.16 26.88 7.38
CA ARG A 134 10.71 27.98 8.20
C ARG A 134 12.18 27.73 8.54
N ALA A 135 12.72 26.54 8.27
CA ALA A 135 14.05 26.13 8.76
C ALA A 135 14.98 25.54 7.70
N LEU A 136 14.45 24.94 6.64
CA LEU A 136 15.26 24.16 5.67
C LEU A 136 15.37 24.92 4.33
N PRO A 137 16.43 24.68 3.55
CA PRO A 137 16.58 25.37 2.26
C PRO A 137 15.61 24.82 1.22
N ASP A 138 15.18 25.65 0.29
CA ASP A 138 14.36 25.22 -0.84
C ASP A 138 15.14 24.26 -1.76
N PRO A 139 14.49 23.18 -2.25
CA PRO A 139 13.12 22.78 -1.95
C PRO A 139 12.98 21.84 -0.71
N ILE A 140 11.80 21.83 -0.10
CA ILE A 140 11.49 20.92 1.03
C ILE A 140 11.03 19.57 0.43
N LYS A 141 11.71 18.48 0.78
CA LYS A 141 11.44 17.12 0.27
C LYS A 141 11.28 16.18 1.49
N ILE A 142 10.11 15.55 1.64
CA ILE A 142 9.86 14.69 2.81
C ILE A 142 9.03 13.48 2.35
N PHE A 143 9.03 12.43 3.18
CA PHE A 143 8.18 11.24 2.89
C PHE A 143 7.84 10.50 4.19
N GLU A 144 6.73 9.74 4.18
CA GLU A 144 6.40 8.84 5.29
C GLU A 144 5.90 7.54 4.71
N ILE A 145 6.19 6.45 5.44
CA ILE A 145 5.58 5.15 5.25
C ILE A 145 4.92 4.68 6.55
N GLY A 146 3.66 4.26 6.50
CA GLY A 146 3.10 3.62 7.71
C GLY A 146 1.62 3.31 7.58
N PRO A 147 1.04 2.75 8.67
CA PRO A 147 -0.35 2.22 8.63
C PRO A 147 -1.36 3.33 8.37
N CYS A 148 -2.37 3.04 7.57
CA CYS A 148 -3.57 3.87 7.33
C CYS A 148 -4.81 2.98 7.39
N TYR A 149 -5.98 3.58 7.61
CA TYR A 149 -7.23 2.83 7.98
C TYR A 149 -8.43 3.39 7.22
N ARG A 150 -9.20 2.52 6.55
CA ARG A 150 -10.48 2.90 5.86
C ARG A 150 -11.42 1.72 6.01
N LYS A 151 -12.66 1.99 6.43
CA LYS A 151 -13.69 0.93 6.41
C LYS A 151 -13.97 0.69 4.90
N GLU A 152 -13.83 -0.54 4.41
CA GLU A 152 -14.11 -0.78 2.98
C GLU A 152 -15.10 -1.91 2.73
N SER A 153 -15.76 -1.88 1.57
CA SER A 153 -16.40 -3.07 1.01
C SER A 153 -15.34 -4.14 0.85
N ASP A 154 -15.61 -5.35 1.31
CA ASP A 154 -14.60 -6.39 1.21
C ASP A 154 -14.28 -6.65 -0.26
N GLY A 155 -13.01 -6.93 -0.54
CA GLY A 155 -12.64 -7.44 -1.84
C GLY A 155 -11.15 -7.64 -2.05
N LYS A 156 -10.77 -7.82 -3.32
CA LYS A 156 -9.44 -8.29 -3.68
C LYS A 156 -8.35 -7.22 -3.69
N GLU A 157 -8.74 -5.93 -3.71
CA GLU A 157 -7.77 -4.83 -3.80
C GLU A 157 -7.86 -3.82 -2.64
N HIS A 158 -8.77 -4.05 -1.70
CA HIS A 158 -8.94 -3.14 -0.55
C HIS A 158 -8.73 -3.90 0.77
N LEU A 159 -8.00 -3.28 1.68
CA LEU A 159 -7.88 -3.72 3.07
C LEU A 159 -8.40 -2.66 4.01
N GLU A 160 -8.83 -3.04 5.19
CA GLU A 160 -9.21 -2.03 6.19
C GLU A 160 -8.01 -1.43 6.89
N GLU A 161 -6.95 -2.21 7.07
CA GLU A 161 -5.65 -1.79 7.64
C GLU A 161 -4.58 -1.99 6.57
N PHE A 162 -4.07 -0.90 6.00
CA PHE A 162 -3.06 -1.01 4.92
C PHE A 162 -1.88 -0.10 5.23
N THR A 163 -0.90 -0.04 4.33
CA THR A 163 0.34 0.70 4.57
C THR A 163 0.53 1.66 3.37
N MET A 164 0.68 2.96 3.66
N MET A 164 0.70 2.95 3.70
CA MET A 164 0.83 3.92 2.57
CA MET A 164 0.82 4.03 2.70
C MET A 164 2.20 4.57 2.63
C MET A 164 2.28 4.52 2.65
N LEU A 165 2.77 4.79 1.44
CA LEU A 165 3.95 5.72 1.20
C LEU A 165 3.33 7.01 0.63
N ASN A 166 3.74 8.13 1.17
CA ASN A 166 3.49 9.44 0.55
C ASN A 166 4.78 10.21 0.51
N PHE A 167 5.24 10.60 -0.66
CA PHE A 167 6.40 11.54 -0.80
C PHE A 167 5.88 12.85 -1.38
N CYS A 168 6.54 13.96 -0.97
CA CYS A 168 6.06 15.25 -1.46
C CYS A 168 7.20 16.26 -1.44
N GLN A 169 7.02 17.36 -2.17
CA GLN A 169 8.04 18.40 -2.35
C GLN A 169 7.31 19.72 -2.44
N MET A 170 7.93 20.75 -1.86
CA MET A 170 7.36 22.11 -1.87
C MET A 170 8.44 23.14 -2.16
N GLY A 171 8.15 24.05 -3.11
CA GLY A 171 9.06 25.14 -3.50
C GLY A 171 9.36 25.02 -4.98
N SER A 172 10.65 25.09 -5.31
CA SER A 172 11.10 24.95 -6.69
C SER A 172 10.96 23.49 -7.14
N GLY A 173 10.98 23.31 -8.45
CA GLY A 173 10.95 21.98 -8.99
C GLY A 173 9.60 21.25 -8.89
N CYS A 174 8.54 21.98 -8.58
CA CYS A 174 7.25 21.31 -8.34
C CYS A 174 6.34 21.40 -9.57
N THR A 175 6.76 20.66 -10.59
CA THR A 175 6.13 20.68 -11.92
C THR A 175 5.58 19.29 -12.21
N ARG A 176 4.63 19.22 -13.13
CA ARG A 176 4.12 17.92 -13.58
CA ARG A 176 4.13 17.91 -13.54
C ARG A 176 5.26 17.05 -14.08
N GLU A 177 6.20 17.63 -14.83
CA GLU A 177 7.25 16.78 -15.41
C GLU A 177 8.18 16.24 -14.31
N ASN A 178 8.50 17.05 -13.29
CA ASN A 178 9.31 16.46 -12.21
C ASN A 178 8.58 15.38 -11.38
N LEU A 179 7.30 15.62 -11.08
CA LEU A 179 6.50 14.60 -10.39
C LEU A 179 6.51 13.28 -11.20
N GLU A 180 6.22 13.37 -12.50
CA GLU A 180 6.23 12.14 -13.35
C GLU A 180 7.62 11.49 -13.35
N SER A 181 8.68 12.28 -13.36
CA SER A 181 10.05 11.76 -13.32
CA SER A 181 10.03 11.71 -13.34
C SER A 181 10.36 10.97 -12.04
N ILE A 182 9.92 11.46 -10.88
CA ILE A 182 10.17 10.75 -9.60
C ILE A 182 9.36 9.45 -9.54
N ILE A 183 8.09 9.52 -9.95
CA ILE A 183 7.23 8.32 -10.00
C ILE A 183 7.93 7.30 -10.92
N THR A 184 8.41 7.73 -12.10
CA THR A 184 9.05 6.82 -13.05
C THR A 184 10.36 6.20 -12.48
N ASP A 185 11.21 6.99 -11.84
CA ASP A 185 12.44 6.45 -11.28
C ASP A 185 12.13 5.46 -10.15
N PHE A 186 11.12 5.79 -9.32
CA PHE A 186 10.70 4.90 -8.21
C PHE A 186 10.20 3.55 -8.70
N LEU A 187 9.28 3.54 -9.66
CA LEU A 187 8.72 2.25 -10.10
C LEU A 187 9.74 1.52 -10.99
N ASN A 188 10.61 2.21 -11.73
CA ASN A 188 11.72 1.50 -12.39
C ASN A 188 12.65 0.83 -11.33
N HIS A 189 12.92 1.45 -10.19
CA HIS A 189 13.74 0.84 -9.14
C HIS A 189 13.11 -0.46 -8.60
N LEU A 190 11.77 -0.48 -8.48
CA LEU A 190 11.04 -1.67 -8.02
C LEU A 190 10.79 -2.66 -9.13
N GLY A 191 11.01 -2.27 -10.39
CA GLY A 191 10.75 -3.17 -11.52
C GLY A 191 9.27 -3.37 -11.90
N ILE A 192 8.45 -2.34 -11.67
CA ILE A 192 7.01 -2.41 -11.93
C ILE A 192 6.59 -1.50 -13.11
N ASP A 193 5.98 -2.06 -14.13
CA ASP A 193 5.48 -1.32 -15.29
C ASP A 193 4.22 -0.53 -14.94
N PHE A 194 3.99 0.62 -15.59
CA PHE A 194 2.78 1.43 -15.28
C PHE A 194 2.48 2.40 -16.41
N LYS A 195 1.28 3.01 -16.34
CA LYS A 195 0.88 4.14 -17.17
C LYS A 195 0.24 5.21 -16.27
N ILE A 196 0.16 6.44 -16.75
CA ILE A 196 -0.54 7.50 -16.04
C ILE A 196 -1.85 7.91 -16.76
N VAL A 197 -2.95 7.98 -15.99
CA VAL A 197 -4.24 8.44 -16.51
C VAL A 197 -4.80 9.58 -15.65
N GLY A 198 -5.57 10.49 -16.23
CA GLY A 198 -6.16 11.57 -15.43
C GLY A 198 -7.40 11.08 -14.69
N ASP A 199 -7.53 11.45 -13.41
CA ASP A 199 -8.77 11.21 -12.67
C ASP A 199 -9.04 12.43 -11.77
N SER A 200 -9.96 12.29 -10.84
CA SER A 200 -10.25 13.38 -9.92
C SER A 200 -10.87 12.86 -8.64
N CYS A 201 -10.74 13.63 -7.56
CA CYS A 201 -11.46 13.31 -6.32
C CYS A 201 -11.88 14.60 -5.58
N MET A 202 -12.75 14.43 -4.59
CA MET A 202 -13.24 15.58 -3.80
C MET A 202 -12.16 16.40 -3.12
N VAL A 203 -11.26 15.71 -2.44
CA VAL A 203 -10.27 16.35 -1.57
C VAL A 203 -9.27 17.21 -2.37
N PHE A 204 -8.73 16.64 -3.45
CA PHE A 204 -7.59 17.25 -4.14
C PHE A 204 -7.91 17.86 -5.51
N GLY A 205 -9.08 17.54 -6.07
CA GLY A 205 -9.38 17.89 -7.45
C GLY A 205 -8.82 16.90 -8.48
N ASP A 206 -8.25 17.42 -9.57
CA ASP A 206 -7.66 16.56 -10.59
C ASP A 206 -6.45 15.80 -10.04
N THR A 207 -6.36 14.50 -10.35
CA THR A 207 -5.20 13.70 -9.96
C THR A 207 -4.57 13.05 -11.19
N LEU A 208 -3.29 12.71 -11.07
CA LEU A 208 -2.63 11.83 -12.06
C LEU A 208 -2.62 10.44 -11.40
N ASP A 209 -3.43 9.51 -11.91
CA ASP A 209 -3.47 8.18 -11.31
C ASP A 209 -2.46 7.25 -12.00
N VAL A 210 -1.68 6.55 -11.19
CA VAL A 210 -0.63 5.63 -11.63
C VAL A 210 -1.21 4.24 -11.67
N MET A 211 -1.38 3.70 -12.87
CA MET A 211 -2.06 2.41 -13.04
C MET A 211 -1.15 1.27 -13.44
N HIS A 212 -1.35 0.08 -12.87
CA HIS A 212 -0.77 -1.15 -13.41
C HIS A 212 -1.97 -1.99 -13.90
N GLY A 213 -2.19 -1.96 -15.21
CA GLY A 213 -3.44 -2.53 -15.72
C GLY A 213 -4.63 -1.76 -15.15
N ASP A 214 -5.61 -2.45 -14.59
N ASP A 214 -5.58 -2.46 -14.56
CA ASP A 214 -6.72 -1.75 -13.97
CA ASP A 214 -6.71 -1.78 -13.95
C ASP A 214 -6.52 -1.53 -12.45
C ASP A 214 -6.52 -1.57 -12.45
N LEU A 215 -5.31 -1.82 -11.93
CA LEU A 215 -5.03 -1.62 -10.51
C LEU A 215 -4.39 -0.22 -10.27
N GLU A 216 -5.04 0.56 -9.42
CA GLU A 216 -4.53 1.89 -9.04
C GLU A 216 -3.40 1.73 -8.00
N LEU A 217 -2.17 2.08 -8.41
CA LEU A 217 -1.07 2.02 -7.47
C LEU A 217 -0.98 3.30 -6.67
N SER A 218 -1.34 4.43 -7.31
CA SER A 218 -1.17 5.75 -6.67
C SER A 218 -2.15 6.78 -7.24
N SER A 219 -2.46 7.79 -6.43
CA SER A 219 -2.95 9.09 -6.93
C SER A 219 -1.91 10.13 -6.56
N ALA A 220 -1.64 11.02 -7.53
CA ALA A 220 -0.65 12.10 -7.36
C ALA A 220 -1.27 13.43 -7.73
N VAL A 221 -0.70 14.51 -7.20
CA VAL A 221 -1.32 15.83 -7.31
C VAL A 221 -0.23 16.86 -7.60
N VAL A 222 -0.53 17.78 -8.55
CA VAL A 222 0.29 18.98 -8.76
C VAL A 222 -0.48 20.18 -8.19
N GLY A 223 0.06 20.76 -7.11
CA GLY A 223 -0.57 21.93 -6.55
C GLY A 223 -0.11 23.15 -7.31
N PRO A 224 -0.52 24.34 -6.85
CA PRO A 224 -1.39 24.64 -5.71
C PRO A 224 -2.84 24.21 -5.91
N ILE A 225 -3.58 23.97 -4.82
CA ILE A 225 -5.02 23.66 -4.85
C ILE A 225 -5.71 24.56 -3.80
N PRO A 226 -7.04 24.77 -3.89
CA PRO A 226 -7.64 25.75 -2.98
C PRO A 226 -7.55 25.35 -1.49
N LEU A 227 -7.52 24.05 -1.23
CA LEU A 227 -7.37 23.49 0.12
C LEU A 227 -6.08 23.94 0.85
N ASP A 228 -5.08 24.39 0.08
CA ASP A 228 -3.78 24.78 0.64
C ASP A 228 -3.93 25.83 1.79
N ARG A 229 -4.79 26.84 1.62
CA ARG A 229 -4.92 27.88 2.65
C ARG A 229 -5.29 27.30 4.02
N GLU A 230 -6.12 26.26 4.05
CA GLU A 230 -6.54 25.63 5.30
C GLU A 230 -5.41 24.98 6.09
N TRP A 231 -4.31 24.64 5.42
CA TRP A 231 -3.15 23.98 6.03
C TRP A 231 -1.96 24.91 6.09
N GLY A 232 -2.20 26.16 5.70
CA GLY A 232 -1.12 27.14 5.68
C GLY A 232 -0.03 26.91 4.63
N ILE A 233 -0.38 26.23 3.54
CA ILE A 233 0.54 25.99 2.44
C ILE A 233 0.39 27.10 1.40
N ASP A 234 1.50 27.75 1.02
CA ASP A 234 1.44 28.95 0.15
C ASP A 234 2.54 28.95 -0.92
N LYS A 235 2.95 27.76 -1.37
CA LYS A 235 3.96 27.58 -2.41
C LYS A 235 3.50 26.46 -3.34
N PRO A 236 4.07 26.39 -4.55
CA PRO A 236 3.86 25.21 -5.41
C PRO A 236 4.32 23.96 -4.63
N TRP A 237 3.66 22.84 -4.92
CA TRP A 237 4.00 21.56 -4.32
C TRP A 237 3.55 20.44 -5.24
N ILE A 238 4.15 19.25 -5.06
CA ILE A 238 3.76 18.03 -5.74
C ILE A 238 3.80 16.88 -4.72
N GLY A 239 2.97 15.86 -4.93
CA GLY A 239 2.98 14.72 -3.99
C GLY A 239 2.28 13.51 -4.61
N ALA A 240 2.58 12.32 -4.08
CA ALA A 240 1.94 11.07 -4.51
C ALA A 240 1.78 10.13 -3.32
N GLY A 241 0.67 9.41 -3.27
CA GLY A 241 0.44 8.36 -2.26
C GLY A 241 0.29 6.98 -2.90
N PHE A 242 1.04 6.00 -2.38
CA PHE A 242 1.08 4.61 -2.90
C PHE A 242 0.72 3.62 -1.81
N GLY A 243 -0.05 2.58 -2.17
CA GLY A 243 -0.29 1.48 -1.22
C GLY A 243 0.79 0.38 -1.32
N LEU A 244 1.50 0.07 -0.22
CA LEU A 244 2.55 -0.96 -0.26
C LEU A 244 1.98 -2.36 -0.52
N GLU A 245 0.82 -2.70 0.06
CA GLU A 245 0.27 -4.06 -0.14
C GLU A 245 -0.07 -4.19 -1.63
N ARG A 246 -0.50 -3.09 -2.31
CA ARG A 246 -0.76 -3.20 -3.78
C ARG A 246 0.55 -3.41 -4.58
N LEU A 247 1.64 -2.74 -4.16
CA LEU A 247 2.95 -2.99 -4.82
C LEU A 247 3.35 -4.46 -4.63
N LEU A 248 3.18 -5.02 -3.40
CA LEU A 248 3.50 -6.45 -3.14
C LEU A 248 2.62 -7.38 -3.95
N LYS A 249 1.34 -7.04 -4.10
CA LYS A 249 0.41 -7.83 -4.93
C LYS A 249 0.93 -7.92 -6.35
N VAL A 250 1.39 -6.82 -6.94
CA VAL A 250 1.98 -6.88 -8.29
C VAL A 250 3.28 -7.67 -8.31
N LYS A 251 4.22 -7.38 -7.42
CA LYS A 251 5.51 -8.04 -7.41
C LYS A 251 5.40 -9.55 -7.28
N HIS A 252 4.47 -10.05 -6.47
CA HIS A 252 4.40 -11.50 -6.21
C HIS A 252 3.22 -12.18 -6.89
N ASP A 253 2.49 -11.44 -7.72
N ASP A 253 2.50 -11.45 -7.75
CA ASP A 253 1.35 -11.97 -8.45
CA ASP A 253 1.33 -11.99 -8.49
C ASP A 253 0.30 -12.61 -7.54
C ASP A 253 0.22 -12.55 -7.60
N PHE A 254 0.01 -11.97 -6.41
CA PHE A 254 -1.04 -12.47 -5.50
C PHE A 254 -2.43 -12.22 -6.09
N LYS A 255 -3.33 -13.20 -5.90
CA LYS A 255 -4.70 -13.05 -6.36
C LYS A 255 -5.52 -12.16 -5.46
N ASN A 256 -5.18 -12.20 -4.18
CA ASN A 256 -5.92 -11.41 -3.21
C ASN A 256 -4.98 -10.61 -2.34
N ILE A 257 -5.33 -9.34 -2.14
CA ILE A 257 -4.45 -8.45 -1.41
C ILE A 257 -4.24 -8.86 0.08
N LYS A 258 -5.10 -9.75 0.60
CA LYS A 258 -4.91 -10.23 1.96
C LYS A 258 -3.59 -10.97 2.14
N ARG A 259 -3.06 -11.57 1.08
CA ARG A 259 -1.76 -12.26 1.15
C ARG A 259 -0.62 -11.37 1.58
N ALA A 260 -0.82 -10.06 1.37
CA ALA A 260 0.23 -9.07 1.54
C ALA A 260 0.10 -8.34 2.89
N ALA A 261 -1.03 -8.52 3.54
CA ALA A 261 -1.45 -7.65 4.69
C ALA A 261 -0.81 -8.04 6.02
N ARG A 262 -0.84 -7.13 6.97
CA ARG A 262 -0.64 -7.49 8.38
C ARG A 262 -1.66 -8.51 8.74
N SER A 263 -1.21 -9.59 9.34
N SER A 263 -1.23 -9.65 9.23
CA SER A 263 -2.01 -10.80 9.34
CA SER A 263 -2.20 -10.66 9.59
C SER A 263 -1.48 -11.89 10.23
C SER A 263 -1.55 -11.64 10.52
N GLY A 264 -2.38 -12.59 10.92
CA GLY A 264 -1.95 -13.75 11.64
C GLY A 264 -2.17 -14.95 10.74
N SER A 265 -2.76 -14.72 9.56
CA SER A 265 -3.23 -15.79 8.65
CA SER A 265 -3.20 -15.80 8.65
C SER A 265 -2.26 -16.12 7.48
N TYR A 266 -1.35 -15.21 7.13
CA TYR A 266 -0.32 -15.45 6.12
C TYR A 266 1.01 -14.86 6.60
N TYR A 267 2.12 -15.54 6.30
CA TYR A 267 3.46 -15.00 6.46
C TYR A 267 4.15 -14.93 5.11
N ASN A 268 4.46 -13.74 4.57
CA ASN A 268 5.10 -13.60 3.25
C ASN A 268 4.32 -14.40 2.17
N GLY A 269 2.99 -14.29 2.27
CA GLY A 269 2.10 -14.94 1.32
C GLY A 269 1.84 -16.43 1.55
N ILE A 270 2.47 -17.03 2.60
CA ILE A 270 2.30 -18.48 2.93
C ILE A 270 1.30 -18.63 4.08
N SER A 271 0.30 -19.49 3.92
CA SER A 271 -0.64 -19.72 5.00
C SER A 271 0.03 -20.16 6.30
N THR A 272 -0.41 -19.57 7.44
CA THR A 272 0.06 -20.02 8.74
C THR A 272 -0.81 -21.08 9.39
N ASN A 273 -1.79 -21.57 8.64
CA ASN A 273 -2.63 -22.64 9.16
C ASN A 273 -2.17 -23.99 8.55
N LEU A 274 -1.14 -24.58 9.12
CA LEU A 274 -0.41 -25.74 8.57
C LEU A 274 -0.44 -26.96 9.51
MG MG B . -11.10 4.42 -2.22
MG MG C . -6.77 7.60 -5.79
MG MG D . -9.21 5.75 -6.90
PG ATP E . -9.42 3.16 -4.79
O1G ATP E . -9.99 4.08 -5.91
O2G ATP E . -10.40 3.00 -3.62
O3G ATP E . -8.79 1.85 -5.23
PB ATP E . -8.36 5.54 -3.75
O1B ATP E . -8.28 6.43 -4.99
O2B ATP E . -9.51 5.68 -2.80
O3B ATP E . -8.18 3.98 -4.13
PA ATP E . -6.22 7.14 -2.66
O1A ATP E . -5.75 7.66 -4.04
O2A ATP E . -7.04 7.99 -1.75
O3A ATP E . -7.00 5.73 -2.90
O5' ATP E . -4.97 6.58 -1.79
C5' ATP E . -3.60 6.45 -2.27
C4' ATP E . -3.27 4.96 -2.54
O4' ATP E . -3.48 4.18 -1.33
C3' ATP E . -4.13 4.25 -3.61
O3' ATP E . -3.68 4.53 -4.93
C2' ATP E . -3.91 2.76 -3.22
O2' ATP E . -2.62 2.30 -3.71
C1' ATP E . -3.79 2.83 -1.70
N9 ATP E . -5.06 2.51 -0.99
C8 ATP E . -6.13 3.35 -0.81
N7 ATP E . -7.13 2.70 -0.16
C5 ATP E . -6.71 1.43 0.08
C6 ATP E . -7.27 0.26 0.79
N6 ATP E . -8.49 0.30 1.39
N1 ATP E . -6.51 -0.83 0.82
C2 ATP E . -5.26 -0.89 0.24
N3 ATP E . -4.67 0.14 -0.40
C4 ATP E . -5.39 1.30 -0.48
C15 9U0 F . 0.39 19.26 0.90
C17 9U0 F . -1.56 20.95 1.19
C20 9U0 F . -2.33 17.80 1.63
C21 9U0 F . -0.84 17.53 2.02
OXT 9U0 F . -2.46 8.99 -0.93
C 9U0 F . -3.34 10.01 -1.14
O 9U0 F . -4.41 10.19 -0.30
CA 9U0 F . -3.01 10.93 -2.29
N 9U0 F . -4.16 11.75 -2.69
CB 9U0 F . -1.89 11.84 -1.82
CG 9U0 F . -1.66 13.03 -2.75
CD 9U0 F . -0.32 13.69 -2.41
CE 9U0 F . -0.28 14.44 -1.05
NZ 9U0 F . 1.10 14.90 -0.71
C11 9U0 F . 1.35 15.68 0.55
O12 9U0 F . 1.57 15.12 1.54
O13 9U0 F . 1.40 17.10 0.83
C14 9U0 F . 0.12 17.80 0.84
C16 9U0 F . -0.58 20.20 0.33
C18 9U0 F . -2.98 20.37 1.25
C19 9U0 F . -3.03 19.09 2.13
K K G . -1.24 -20.98 -8.83
K K H . -4.69 -6.27 8.89
C1 PEG I . -11.76 -5.31 -6.59
O1 PEG I . -12.88 -5.30 -7.45
C2 PEG I . -12.02 -4.21 -5.59
O2 PEG I . -11.16 -4.39 -4.48
C3 PEG I . -11.79 -4.67 -3.24
C4 PEG I . -13.20 -4.13 -3.21
O4 PEG I . -13.51 -3.68 -1.90
#